data_6M5C
#
_entry.id   6M5C
#
_entity_poly.entity_id   1
_entity_poly.type   'polypeptide(L)'
_entity_poly.pdbx_seq_one_letter_code
;ACSSSSPCPGNQCCSKWGYCGLGGDYCGSGCQSGPCTGA
;
_entity_poly.pdbx_strand_id   A
#
# COMPACT_ATOMS: atom_id res chain seq x y z
N ALA A 1 -2.38 7.81 4.06
CA ALA A 1 -1.03 7.56 4.64
C ALA A 1 -0.92 6.17 5.23
N CYS A 2 0.12 5.43 4.82
CA CYS A 2 0.36 4.06 5.30
C CYS A 2 1.41 4.05 6.39
N SER A 3 1.37 3.00 7.23
CA SER A 3 2.33 2.84 8.32
C SER A 3 3.03 1.49 8.23
N SER A 4 4.05 1.27 9.07
CA SER A 4 4.81 0.00 9.09
C SER A 4 3.89 -1.17 9.48
N SER A 5 2.81 -0.87 10.22
CA SER A 5 1.83 -1.86 10.63
C SER A 5 0.68 -1.90 9.60
N SER A 6 0.78 -1.02 8.58
CA SER A 6 -0.19 -0.88 7.47
C SER A 6 -1.62 -0.61 7.95
N PRO A 7 -2.18 0.60 7.66
CA PRO A 7 -3.54 0.97 8.06
C PRO A 7 -4.63 0.56 7.04
N CYS A 8 -4.29 -0.43 6.21
CA CYS A 8 -5.20 -0.91 5.16
C CYS A 8 -5.38 -2.44 5.24
N PRO A 9 -6.55 -2.93 5.77
CA PRO A 9 -6.83 -4.37 5.89
C PRO A 9 -7.42 -4.99 4.61
N GLY A 10 -7.13 -4.36 3.47
CA GLY A 10 -7.63 -4.84 2.19
C GLY A 10 -8.56 -3.87 1.50
N ASN A 11 -8.06 -2.64 1.26
CA ASN A 11 -8.83 -1.59 0.60
C ASN A 11 -7.96 -0.83 -0.39
N GLN A 12 -6.74 -0.48 0.04
CA GLN A 12 -5.78 0.24 -0.79
C GLN A 12 -4.37 -0.31 -0.57
N CYS A 13 -3.49 -0.13 -1.56
CA CYS A 13 -2.10 -0.60 -1.46
C CYS A 13 -1.19 0.48 -0.90
N CYS A 14 -0.21 0.04 -0.09
CA CYS A 14 0.73 0.96 0.56
C CYS A 14 1.90 1.36 -0.34
N SER A 15 2.48 2.52 -0.03
CA SER A 15 3.62 3.05 -0.77
C SER A 15 4.84 3.08 0.14
N LYS A 16 6.03 2.90 -0.47
CA LYS A 16 7.32 2.91 0.25
C LYS A 16 7.52 4.19 1.06
N TRP A 17 6.92 5.29 0.58
CA TRP A 17 6.96 6.59 1.26
C TRP A 17 5.85 6.65 2.32
N GLY A 18 5.13 5.52 2.44
CA GLY A 18 4.05 5.37 3.39
C GLY A 18 2.73 5.96 2.91
N TYR A 19 2.25 5.50 1.75
CA TYR A 19 0.98 6.01 1.19
C TYR A 19 0.08 4.90 0.65
N CYS A 20 -1.13 4.82 1.21
CA CYS A 20 -2.11 3.81 0.81
C CYS A 20 -3.09 4.37 -0.23
N GLY A 21 -3.26 3.64 -1.33
CA GLY A 21 -4.15 4.07 -2.41
C GLY A 21 -4.33 3.00 -3.48
N LEU A 22 -5.27 3.24 -4.39
CA LEU A 22 -5.55 2.31 -5.49
C LEU A 22 -4.87 2.74 -6.78
N GLY A 23 -4.55 1.75 -7.63
CA GLY A 23 -3.89 2.02 -8.90
C GLY A 23 -2.45 1.54 -8.92
N GLY A 24 -1.79 1.73 -10.07
CA GLY A 24 -0.40 1.32 -10.23
C GLY A 24 0.59 2.44 -9.96
N ASP A 25 0.29 3.25 -8.94
CA ASP A 25 1.15 4.38 -8.56
C ASP A 25 1.44 4.39 -7.06
N TYR A 26 0.61 3.70 -6.28
CA TYR A 26 0.78 3.63 -4.82
C TYR A 26 1.63 2.42 -4.40
N CYS A 27 1.43 1.28 -5.08
CA CYS A 27 2.17 0.06 -4.78
C CYS A 27 3.39 -0.07 -5.71
N GLY A 28 3.17 -0.57 -6.96
CA GLY A 28 4.24 -0.73 -7.93
C GLY A 28 5.41 -1.57 -7.40
N SER A 29 5.09 -2.65 -6.66
CA SER A 29 6.09 -3.56 -6.05
C SER A 29 6.95 -2.82 -5.01
N GLY A 30 6.37 -1.77 -4.42
CA GLY A 30 7.05 -0.98 -3.42
C GLY A 30 6.14 -0.68 -2.24
N CYS A 31 5.30 -1.67 -1.91
CA CYS A 31 4.33 -1.54 -0.82
C CYS A 31 4.86 -2.12 0.50
N GLN A 32 4.25 -1.67 1.61
CA GLN A 32 4.62 -2.12 2.96
C GLN A 32 3.52 -3.01 3.57
N SER A 33 2.30 -2.92 3.02
CA SER A 33 1.15 -3.69 3.50
C SER A 33 1.12 -5.11 2.89
N GLY A 34 0.11 -5.90 3.26
CA GLY A 34 -0.02 -7.27 2.76
C GLY A 34 -0.86 -7.39 1.48
N PRO A 35 -2.10 -6.80 1.42
CA PRO A 35 -2.99 -6.89 0.22
C PRO A 35 -2.51 -5.99 -0.94
N CYS A 36 -1.21 -6.08 -1.26
CA CYS A 36 -0.59 -5.31 -2.34
C CYS A 36 0.47 -6.13 -3.07
N THR A 37 1.16 -5.50 -4.06
CA THR A 37 2.21 -6.14 -4.87
C THR A 37 1.65 -7.28 -5.73
N GLY A 38 0.84 -6.92 -6.71
CA GLY A 38 0.23 -7.89 -7.62
C GLY A 38 0.97 -8.01 -8.93
N ALA A 39 1.13 -6.88 -9.62
CA ALA A 39 1.83 -6.86 -10.91
C ALA A 39 2.95 -5.82 -10.90
N ALA A 1 -1.81 8.39 4.14
CA ALA A 1 -0.52 7.95 4.73
C ALA A 1 -0.61 6.50 5.20
N CYS A 2 0.50 5.76 5.07
CA CYS A 2 0.57 4.37 5.49
C CYS A 2 1.75 4.13 6.42
N SER A 3 1.63 3.11 7.27
CA SER A 3 2.68 2.75 8.22
C SER A 3 3.23 1.34 7.94
N SER A 4 4.28 0.95 8.68
CA SER A 4 4.89 -0.38 8.53
C SER A 4 3.89 -1.51 8.81
N SER A 5 2.92 -1.21 9.68
CA SER A 5 1.86 -2.15 10.04
C SER A 5 0.62 -1.94 9.14
N SER A 6 0.73 -0.92 8.25
CA SER A 6 -0.32 -0.52 7.28
C SER A 6 -1.68 -0.20 7.94
N PRO A 7 -2.19 1.06 7.80
CA PRO A 7 -3.48 1.45 8.38
C PRO A 7 -4.68 1.07 7.51
N CYS A 8 -4.46 0.09 6.64
CA CYS A 8 -5.48 -0.39 5.71
C CYS A 8 -5.77 -1.88 5.95
N PRO A 9 -7.06 -2.26 6.25
CA PRO A 9 -7.43 -3.66 6.52
C PRO A 9 -7.59 -4.53 5.25
N GLY A 10 -6.87 -4.15 4.20
CA GLY A 10 -6.91 -4.88 2.94
C GLY A 10 -7.87 -4.27 1.94
N ASN A 11 -7.58 -3.05 1.50
CA ASN A 11 -8.41 -2.33 0.52
C ASN A 11 -7.57 -1.58 -0.49
N GLN A 12 -6.45 -0.99 -0.03
CA GLN A 12 -5.55 -0.22 -0.89
C GLN A 12 -4.09 -0.65 -0.66
N CYS A 13 -3.24 -0.42 -1.68
CA CYS A 13 -1.82 -0.77 -1.61
C CYS A 13 -1.01 0.37 -1.01
N CYS A 14 0.00 0.02 -0.20
CA CYS A 14 0.86 1.01 0.45
C CYS A 14 2.16 1.22 -0.32
N SER A 15 2.60 2.49 -0.36
CA SER A 15 3.84 2.86 -1.04
C SER A 15 4.99 2.94 -0.05
N LYS A 16 6.22 2.76 -0.56
CA LYS A 16 7.47 2.80 0.23
C LYS A 16 7.57 4.07 1.08
N TRP A 17 7.07 5.19 0.54
CA TRP A 17 7.05 6.47 1.26
C TRP A 17 5.87 6.52 2.24
N GLY A 18 5.16 5.38 2.33
CA GLY A 18 4.03 5.20 3.21
C GLY A 18 2.74 5.83 2.69
N TYR A 19 2.20 5.26 1.61
CA TYR A 19 0.94 5.77 1.03
C TYR A 19 0.00 4.66 0.59
N CYS A 20 -1.21 4.65 1.18
CA CYS A 20 -2.24 3.65 0.88
C CYS A 20 -3.19 4.16 -0.20
N GLY A 21 -3.28 3.40 -1.30
CA GLY A 21 -4.15 3.77 -2.41
C GLY A 21 -4.24 2.67 -3.47
N LEU A 22 -5.20 2.82 -4.39
CA LEU A 22 -5.41 1.85 -5.47
C LEU A 22 -4.78 2.34 -6.77
N GLY A 23 -4.37 1.37 -7.61
CA GLY A 23 -3.75 1.69 -8.89
C GLY A 23 -2.27 1.37 -8.92
N GLY A 24 -1.64 1.65 -10.06
CA GLY A 24 -0.20 1.39 -10.22
C GLY A 24 0.65 2.62 -9.93
N ASP A 25 0.25 3.39 -8.91
CA ASP A 25 0.97 4.59 -8.50
C ASP A 25 1.16 4.64 -6.98
N TYR A 26 0.20 4.06 -6.24
CA TYR A 26 0.24 4.03 -4.78
C TYR A 26 1.02 2.83 -4.24
N CYS A 27 1.37 1.89 -5.13
CA CYS A 27 2.14 0.70 -4.75
C CYS A 27 3.63 0.92 -5.06
N GLY A 28 3.93 1.14 -6.36
CA GLY A 28 5.30 1.38 -6.82
C GLY A 28 6.31 0.33 -6.37
N SER A 29 5.86 -0.95 -6.33
CA SER A 29 6.71 -2.09 -5.90
C SER A 29 7.21 -1.90 -4.46
N GLY A 30 6.42 -1.15 -3.68
CA GLY A 30 6.74 -0.89 -2.30
C GLY A 30 5.56 -1.11 -1.40
N CYS A 31 4.85 -2.22 -1.66
CA CYS A 31 3.65 -2.59 -0.89
C CYS A 31 3.97 -2.97 0.57
N GLN A 32 3.23 -2.34 1.49
CA GLN A 32 3.38 -2.59 2.93
C GLN A 32 2.07 -3.11 3.52
N SER A 33 0.97 -2.88 2.79
CA SER A 33 -0.37 -3.31 3.20
C SER A 33 -0.73 -4.67 2.58
N GLY A 34 -1.96 -5.14 2.82
CA GLY A 34 -2.43 -6.41 2.28
C GLY A 34 -2.33 -6.51 0.75
N PRO A 35 -2.84 -5.50 -0.02
CA PRO A 35 -2.77 -5.50 -1.50
C PRO A 35 -1.39 -5.08 -2.01
N CYS A 36 -0.81 -5.88 -2.90
CA CYS A 36 0.51 -5.59 -3.45
C CYS A 36 0.51 -5.62 -4.98
N THR A 37 1.47 -4.88 -5.57
CA THR A 37 1.64 -4.81 -7.02
C THR A 37 2.50 -5.97 -7.56
N GLY A 38 2.51 -7.08 -6.81
CA GLY A 38 3.28 -8.25 -7.20
C GLY A 38 4.38 -8.58 -6.20
N ALA A 39 4.03 -9.42 -5.20
CA ALA A 39 4.96 -9.86 -4.13
C ALA A 39 5.46 -8.68 -3.28
N ALA A 1 1.11 9.40 8.72
CA ALA A 1 2.04 8.29 8.41
C ALA A 1 1.29 6.99 8.16
N CYS A 2 1.67 6.29 7.09
CA CYS A 2 1.05 5.02 6.72
C CYS A 2 1.92 3.84 7.16
N SER A 3 1.26 2.76 7.61
CA SER A 3 1.97 1.57 8.06
C SER A 3 1.66 0.39 7.12
N SER A 4 2.37 -0.72 7.32
CA SER A 4 2.20 -1.92 6.50
C SER A 4 0.93 -2.72 6.85
N SER A 5 0.21 -2.29 7.91
CA SER A 5 -1.03 -2.97 8.33
C SER A 5 -1.86 -2.12 9.31
N SER A 6 -1.78 -0.79 9.21
CA SER A 6 -2.54 0.08 10.12
C SER A 6 -3.57 0.97 9.39
N PRO A 7 -3.21 1.68 8.29
CA PRO A 7 -4.13 2.58 7.57
C PRO A 7 -4.98 1.90 6.50
N CYS A 8 -4.88 0.59 6.45
CA CYS A 8 -5.61 -0.24 5.47
C CYS A 8 -5.78 -1.68 5.99
N PRO A 9 -7.06 -2.12 6.26
CA PRO A 9 -7.33 -3.49 6.76
C PRO A 9 -7.36 -4.56 5.64
N GLY A 10 -6.65 -4.27 4.56
CA GLY A 10 -6.59 -5.18 3.42
C GLY A 10 -7.46 -4.72 2.26
N ASN A 11 -7.29 -3.45 1.87
CA ASN A 11 -8.06 -2.86 0.77
C ASN A 11 -7.15 -2.05 -0.16
N GLN A 12 -6.23 -1.29 0.43
CA GLN A 12 -5.29 -0.45 -0.33
C GLN A 12 -3.84 -0.82 0.00
N CYS A 13 -2.93 -0.52 -0.93
CA CYS A 13 -1.51 -0.82 -0.75
C CYS A 13 -0.75 0.38 -0.19
N CYS A 14 0.01 0.15 0.89
CA CYS A 14 0.80 1.20 1.54
C CYS A 14 2.18 1.30 0.88
N SER A 15 2.51 2.50 0.40
CA SER A 15 3.79 2.75 -0.28
C SER A 15 4.90 3.06 0.70
N LYS A 16 6.15 2.77 0.28
CA LYS A 16 7.38 3.00 1.09
C LYS A 16 7.47 4.44 1.58
N TRP A 17 6.94 5.37 0.78
CA TRP A 17 6.91 6.80 1.14
C TRP A 17 5.73 7.06 2.09
N GLY A 18 5.06 5.95 2.46
CA GLY A 18 3.94 5.96 3.38
C GLY A 18 2.64 6.46 2.78
N TYR A 19 2.14 5.75 1.76
CA TYR A 19 0.88 6.13 1.10
C TYR A 19 0.06 4.92 0.66
N CYS A 20 -1.14 4.79 1.22
CA CYS A 20 -2.05 3.69 0.91
C CYS A 20 -3.07 4.08 -0.17
N GLY A 21 -3.07 3.30 -1.25
CA GLY A 21 -3.98 3.56 -2.37
C GLY A 21 -4.13 2.35 -3.28
N LEU A 22 -4.70 2.58 -4.47
CA LEU A 22 -4.93 1.53 -5.46
C LEU A 22 -4.47 1.97 -6.85
N GLY A 23 -4.08 0.99 -7.67
CA GLY A 23 -3.61 1.26 -9.02
C GLY A 23 -2.12 1.12 -9.17
N GLY A 24 -1.60 1.55 -10.33
CA GLY A 24 -0.17 1.47 -10.60
C GLY A 24 0.56 2.77 -10.30
N ASP A 25 0.19 3.41 -9.19
CA ASP A 25 0.80 4.68 -8.77
C ASP A 25 1.14 4.65 -7.27
N TYR A 26 0.33 3.93 -6.49
CA TYR A 26 0.53 3.82 -5.04
C TYR A 26 1.41 2.63 -4.67
N CYS A 27 1.25 1.51 -5.40
CA CYS A 27 2.04 0.30 -5.15
C CYS A 27 3.36 0.35 -5.94
N GLY A 28 3.29 0.12 -7.27
CA GLY A 28 4.47 0.15 -8.14
C GLY A 28 5.58 -0.80 -7.70
N SER A 29 5.21 -2.05 -7.39
CA SER A 29 6.16 -3.10 -6.92
C SER A 29 6.85 -2.70 -5.61
N GLY A 30 6.18 -1.81 -4.87
CA GLY A 30 6.69 -1.33 -3.61
C GLY A 30 5.64 -1.44 -2.52
N CYS A 31 4.93 -2.57 -2.51
CA CYS A 31 3.86 -2.83 -1.55
C CYS A 31 4.38 -3.10 -0.13
N GLN A 32 3.62 -2.61 0.86
CA GLN A 32 3.95 -2.79 2.28
C GLN A 32 2.80 -3.45 3.03
N SER A 33 1.57 -3.09 2.64
CA SER A 33 0.34 -3.63 3.25
C SER A 33 -0.08 -4.95 2.59
N GLY A 34 -1.17 -5.55 3.10
CA GLY A 34 -1.69 -6.82 2.58
C GLY A 34 -1.85 -6.86 1.05
N PRO A 35 -2.52 -5.85 0.40
CA PRO A 35 -2.68 -5.82 -1.06
C PRO A 35 -1.39 -5.35 -1.75
N CYS A 36 -0.87 -6.21 -2.64
CA CYS A 36 0.38 -5.90 -3.34
C CYS A 36 0.16 -5.77 -4.85
N THR A 37 0.35 -4.53 -5.34
CA THR A 37 0.23 -4.18 -6.78
C THR A 37 -1.08 -4.70 -7.42
N GLY A 38 -2.14 -4.77 -6.63
CA GLY A 38 -3.43 -5.25 -7.11
C GLY A 38 -4.03 -6.31 -6.21
N ALA A 39 -3.50 -7.53 -6.29
CA ALA A 39 -3.98 -8.64 -5.48
C ALA A 39 -2.85 -9.26 -4.66
N ALA A 1 -1.87 8.96 7.89
CA ALA A 1 -0.51 8.44 8.13
C ALA A 1 -0.44 6.93 7.91
N CYS A 2 0.55 6.49 7.12
CA CYS A 2 0.74 5.08 6.81
C CYS A 2 1.85 4.48 7.66
N SER A 3 1.62 3.26 8.14
CA SER A 3 2.59 2.53 8.95
C SER A 3 2.84 1.14 8.38
N SER A 4 3.90 0.47 8.86
CA SER A 4 4.25 -0.88 8.40
C SER A 4 3.29 -1.94 8.97
N SER A 5 2.44 -1.52 9.90
CA SER A 5 1.45 -2.39 10.54
C SER A 5 0.03 -1.97 10.18
N SER A 6 -0.17 -0.66 9.96
CA SER A 6 -1.48 -0.09 9.61
C SER A 6 -1.34 0.90 8.44
N PRO A 7 -1.27 0.42 7.17
CA PRO A 7 -1.13 1.31 6.00
C PRO A 7 -2.44 1.91 5.52
N CYS A 8 -3.51 1.53 6.20
CA CYS A 8 -4.90 1.98 5.92
C CYS A 8 -5.90 1.23 6.82
N PRO A 9 -7.09 1.83 7.12
CA PRO A 9 -8.10 1.18 7.97
C PRO A 9 -8.98 0.15 7.22
N GLY A 10 -8.40 -0.43 6.17
CA GLY A 10 -9.10 -1.42 5.37
C GLY A 10 -8.15 -2.42 4.73
N ASN A 11 -8.08 -2.37 3.39
CA ASN A 11 -7.22 -3.26 2.61
C ASN A 11 -6.71 -2.55 1.34
N GLN A 12 -5.96 -1.47 1.55
CA GLN A 12 -5.40 -0.68 0.45
C GLN A 12 -3.87 -0.79 0.43
N CYS A 13 -3.26 -0.38 -0.70
CA CYS A 13 -1.80 -0.44 -0.87
C CYS A 13 -1.14 0.85 -0.39
N CYS A 14 0.10 0.73 0.09
CA CYS A 14 0.86 1.88 0.59
C CYS A 14 2.23 1.97 -0.09
N SER A 15 2.71 3.20 -0.25
CA SER A 15 4.01 3.45 -0.86
C SER A 15 5.08 3.68 0.19
N LYS A 16 6.36 3.42 -0.20
CA LYS A 16 7.54 3.57 0.67
C LYS A 16 7.58 4.94 1.35
N TRP A 17 7.13 5.98 0.62
CA TRP A 17 7.08 7.34 1.17
C TRP A 17 5.82 7.52 2.05
N GLY A 18 5.15 6.38 2.28
CA GLY A 18 3.95 6.32 3.11
C GLY A 18 2.72 6.92 2.45
N TYR A 19 2.27 6.29 1.36
CA TYR A 19 1.07 6.76 0.65
C TYR A 19 0.12 5.61 0.32
N CYS A 20 -1.11 5.72 0.85
CA CYS A 20 -2.14 4.70 0.66
C CYS A 20 -3.04 5.04 -0.53
N GLY A 21 -3.48 3.99 -1.23
CA GLY A 21 -4.35 4.16 -2.39
C GLY A 21 -4.90 2.84 -2.91
N LEU A 22 -5.55 2.90 -4.07
CA LEU A 22 -6.14 1.71 -4.69
C LEU A 22 -5.63 1.53 -6.13
N GLY A 23 -5.60 0.27 -6.57
CA GLY A 23 -5.14 -0.05 -7.92
C GLY A 23 -3.74 -0.64 -7.93
N GLY A 24 -3.30 -1.08 -9.12
CA GLY A 24 -1.97 -1.68 -9.26
C GLY A 24 -0.93 -0.67 -9.72
N ASP A 25 -1.00 0.54 -9.18
CA ASP A 25 -0.05 1.62 -9.52
C ASP A 25 0.53 2.28 -8.26
N TYR A 26 -0.09 2.01 -7.10
CA TYR A 26 0.36 2.58 -5.83
C TYR A 26 1.38 1.68 -5.12
N CYS A 27 1.51 0.42 -5.58
CA CYS A 27 2.45 -0.52 -4.99
C CYS A 27 3.83 -0.43 -5.66
N GLY A 28 3.91 -0.87 -6.95
CA GLY A 28 5.16 -0.84 -7.71
C GLY A 28 6.31 -1.56 -7.04
N SER A 29 6.02 -2.78 -6.53
CA SER A 29 7.01 -3.64 -5.82
C SER A 29 7.74 -2.88 -4.69
N GLY A 30 6.98 -1.99 -4.05
CA GLY A 30 7.50 -1.20 -2.95
C GLY A 30 6.42 -0.89 -1.94
N CYS A 31 5.48 -1.83 -1.79
CA CYS A 31 4.35 -1.68 -0.87
C CYS A 31 4.67 -2.21 0.52
N GLN A 32 3.98 -1.65 1.52
CA GLN A 32 4.13 -2.05 2.92
C GLN A 32 2.91 -2.85 3.40
N SER A 33 1.86 -2.87 2.56
CA SER A 33 0.62 -3.58 2.84
C SER A 33 0.69 -5.04 2.38
N GLY A 34 -0.31 -5.84 2.78
CA GLY A 34 -0.39 -7.25 2.41
C GLY A 34 -1.01 -7.47 1.02
N PRO A 35 -2.27 -7.00 0.77
CA PRO A 35 -2.94 -7.17 -0.54
C PRO A 35 -2.39 -6.21 -1.62
N CYS A 36 -1.08 -6.33 -1.87
CA CYS A 36 -0.39 -5.49 -2.86
C CYS A 36 0.46 -6.34 -3.80
N THR A 37 1.01 -5.69 -4.86
CA THR A 37 1.87 -6.35 -5.88
C THR A 37 1.19 -7.57 -6.55
N GLY A 38 -0.15 -7.52 -6.61
CA GLY A 38 -0.92 -8.59 -7.21
C GLY A 38 -2.36 -8.20 -7.47
N ALA A 39 -2.55 -7.14 -8.26
CA ALA A 39 -3.88 -6.64 -8.60
C ALA A 39 -4.13 -6.70 -10.09
N ALA A 1 -1.48 8.45 4.65
CA ALA A 1 -0.28 7.70 5.12
C ALA A 1 -0.61 6.24 5.37
N CYS A 2 0.24 5.35 4.84
CA CYS A 2 0.05 3.91 5.00
C CYS A 2 1.06 3.34 5.99
N SER A 3 0.74 2.16 6.54
CA SER A 3 1.62 1.49 7.50
C SER A 3 2.00 0.10 6.99
N SER A 4 2.94 -0.56 7.70
CA SER A 4 3.40 -1.91 7.34
C SER A 4 2.29 -2.96 7.55
N SER A 5 1.19 -2.53 8.19
CA SER A 5 0.03 -3.38 8.44
C SER A 5 -1.21 -2.77 7.74
N SER A 6 -0.95 -1.71 6.93
CA SER A 6 -1.98 -0.96 6.16
C SER A 6 -3.10 -0.40 7.04
N PRO A 7 -3.27 0.96 7.10
CA PRO A 7 -4.33 1.59 7.90
C PRO A 7 -5.66 1.67 7.13
N CYS A 8 -5.68 0.94 6.03
CA CYS A 8 -6.83 0.85 5.14
C CYS A 8 -7.69 -0.39 5.47
N PRO A 9 -9.01 -0.40 5.12
CA PRO A 9 -9.91 -1.55 5.42
C PRO A 9 -9.63 -2.82 4.59
N GLY A 10 -8.39 -2.95 4.13
CA GLY A 10 -7.97 -4.12 3.34
C GLY A 10 -8.38 -4.03 1.88
N ASN A 11 -8.16 -2.86 1.27
CA ASN A 11 -8.50 -2.63 -0.14
C ASN A 11 -7.40 -1.88 -0.87
N GLN A 12 -6.75 -0.96 -0.15
CA GLN A 12 -5.68 -0.14 -0.72
C GLN A 12 -4.30 -0.70 -0.33
N CYS A 13 -3.30 -0.44 -1.20
CA CYS A 13 -1.93 -0.89 -0.98
C CYS A 13 -1.10 0.17 -0.26
N CYS A 14 -0.06 -0.28 0.46
CA CYS A 14 0.81 0.64 1.20
C CYS A 14 2.09 0.91 0.42
N SER A 15 2.40 2.21 0.26
CA SER A 15 3.61 2.65 -0.45
C SER A 15 4.75 2.85 0.53
N LYS A 16 5.97 2.55 0.06
CA LYS A 16 7.22 2.68 0.85
C LYS A 16 7.39 4.10 1.42
N TRP A 17 6.85 5.09 0.69
CA TRP A 17 6.89 6.50 1.13
C TRP A 17 5.75 6.74 2.14
N GLY A 18 4.98 5.67 2.37
CA GLY A 18 3.86 5.68 3.30
C GLY A 18 2.58 6.21 2.69
N TYR A 19 2.12 5.58 1.61
CA TYR A 19 0.88 6.01 0.95
C TYR A 19 -0.05 4.84 0.61
N CYS A 20 -1.29 4.92 1.12
CA CYS A 20 -2.31 3.89 0.89
C CYS A 20 -3.16 4.25 -0.33
N GLY A 21 -2.96 3.52 -1.43
CA GLY A 21 -3.71 3.76 -2.66
C GLY A 21 -4.02 2.51 -3.44
N LEU A 22 -3.98 2.60 -4.77
CA LEU A 22 -4.27 1.46 -5.64
C LEU A 22 -3.10 1.16 -6.59
N GLY A 23 -3.16 0.00 -7.27
CA GLY A 23 -2.11 -0.41 -8.20
C GLY A 23 -2.00 0.48 -9.42
N GLY A 24 -0.77 0.91 -9.72
CA GLY A 24 -0.52 1.77 -10.87
C GLY A 24 0.49 2.85 -10.56
N ASP A 25 0.20 3.65 -9.53
CA ASP A 25 1.09 4.74 -9.11
C ASP A 25 1.30 4.77 -7.59
N TYR A 26 0.44 4.05 -6.85
CA TYR A 26 0.53 4.00 -5.39
C TYR A 26 1.36 2.81 -4.89
N CYS A 27 1.18 1.63 -5.52
CA CYS A 27 1.93 0.43 -5.13
C CYS A 27 3.26 0.36 -5.90
N GLY A 28 3.20 -0.08 -7.18
CA GLY A 28 4.39 -0.18 -8.03
C GLY A 28 5.52 -1.00 -7.41
N SER A 29 5.25 -2.29 -7.13
CA SER A 29 6.22 -3.23 -6.51
C SER A 29 6.86 -2.66 -5.23
N GLY A 30 6.07 -1.86 -4.50
CA GLY A 30 6.53 -1.24 -3.27
C GLY A 30 5.76 -1.75 -2.08
N CYS A 31 5.60 -3.09 -2.02
CA CYS A 31 4.86 -3.76 -0.94
C CYS A 31 5.46 -3.49 0.45
N GLN A 32 4.64 -2.88 1.32
CA GLN A 32 5.03 -2.57 2.69
C GLN A 32 4.11 -3.29 3.68
N SER A 33 2.80 -3.24 3.39
CA SER A 33 1.79 -3.87 4.22
C SER A 33 1.30 -5.18 3.57
N GLY A 34 0.37 -5.88 4.25
CA GLY A 34 -0.18 -7.14 3.73
C GLY A 34 -0.84 -6.99 2.35
N PRO A 35 -1.79 -6.01 2.15
CA PRO A 35 -2.44 -5.79 0.85
C PRO A 35 -1.59 -4.95 -0.10
N CYS A 36 -0.90 -5.63 -1.03
CA CYS A 36 -0.03 -4.97 -2.01
C CYS A 36 -0.09 -5.66 -3.37
N THR A 37 0.71 -5.16 -4.33
CA THR A 37 0.77 -5.71 -5.69
C THR A 37 1.77 -6.88 -5.79
N GLY A 38 1.99 -7.56 -4.67
CA GLY A 38 2.91 -8.70 -4.62
C GLY A 38 2.20 -10.01 -4.38
N ALA A 39 1.50 -10.11 -3.25
CA ALA A 39 0.76 -11.32 -2.89
C ALA A 39 -0.73 -11.16 -3.19
N ALA A 1 -0.72 9.42 8.84
CA ALA A 1 0.49 8.56 8.92
C ALA A 1 0.16 7.11 8.59
N CYS A 2 0.96 6.52 7.70
CA CYS A 2 0.77 5.12 7.28
C CYS A 2 1.80 4.21 7.95
N SER A 3 1.37 3.01 8.30
CA SER A 3 2.24 2.02 8.94
C SER A 3 2.16 0.67 8.21
N SER A 4 3.08 -0.25 8.55
CA SER A 4 3.12 -1.59 7.94
C SER A 4 1.98 -2.49 8.43
N SER A 5 1.27 -2.02 9.47
CA SER A 5 0.14 -2.76 10.04
C SER A 5 -1.19 -2.26 9.48
N SER A 6 -1.29 -0.94 9.29
CA SER A 6 -2.49 -0.32 8.74
C SER A 6 -2.14 0.64 7.60
N PRO A 7 -2.36 0.23 6.31
CA PRO A 7 -2.03 1.07 5.15
C PRO A 7 -3.14 2.05 4.76
N CYS A 8 -4.26 1.90 5.45
CA CYS A 8 -5.48 2.72 5.25
C CYS A 8 -6.65 2.13 6.06
N PRO A 9 -7.69 2.94 6.41
CA PRO A 9 -8.86 2.44 7.17
C PRO A 9 -9.88 1.68 6.29
N GLY A 10 -9.39 1.11 5.20
CA GLY A 10 -10.21 0.36 4.28
C GLY A 10 -9.50 -0.83 3.67
N ASN A 11 -9.23 -0.76 2.36
CA ASN A 11 -8.55 -1.83 1.63
C ASN A 11 -7.69 -1.26 0.48
N GLN A 12 -6.70 -0.45 0.86
CA GLN A 12 -5.80 0.18 -0.11
C GLN A 12 -4.33 -0.12 0.22
N CYS A 13 -3.45 0.04 -0.77
CA CYS A 13 -2.01 -0.23 -0.58
C CYS A 13 -1.26 1.03 -0.12
N CYS A 14 -0.12 0.82 0.55
CA CYS A 14 0.70 1.91 1.07
C CYS A 14 2.06 1.93 0.38
N SER A 15 2.63 3.14 0.26
CA SER A 15 3.93 3.32 -0.37
C SER A 15 5.03 3.41 0.67
N LYS A 16 6.26 3.02 0.26
CA LYS A 16 7.47 3.03 1.12
C LYS A 16 7.67 4.37 1.83
N TRP A 17 7.33 5.46 1.13
CA TRP A 17 7.43 6.82 1.70
C TRP A 17 6.21 7.12 2.57
N GLY A 18 5.38 6.09 2.76
CA GLY A 18 4.17 6.16 3.58
C GLY A 18 3.02 6.88 2.91
N TYR A 19 2.53 6.31 1.80
CA TYR A 19 1.40 6.91 1.06
C TYR A 19 0.38 5.86 0.63
N CYS A 20 -0.90 6.11 0.97
CA CYS A 20 -1.99 5.20 0.64
C CYS A 20 -2.51 5.44 -0.78
N GLY A 21 -2.96 4.35 -1.42
CA GLY A 21 -3.49 4.40 -2.77
C GLY A 21 -3.95 3.05 -3.27
N LEU A 22 -4.16 2.93 -4.57
CA LEU A 22 -4.62 1.69 -5.18
C LEU A 22 -3.54 1.08 -6.10
N GLY A 23 -3.79 -0.16 -6.57
CA GLY A 23 -2.85 -0.85 -7.44
C GLY A 23 -2.80 -0.29 -8.85
N GLY A 24 -1.59 0.12 -9.26
CA GLY A 24 -1.40 0.69 -10.59
C GLY A 24 -0.27 1.70 -10.64
N ASP A 25 -0.34 2.70 -9.75
CA ASP A 25 0.67 3.76 -9.67
C ASP A 25 1.10 4.04 -8.23
N TYR A 26 0.33 3.55 -7.25
CA TYR A 26 0.63 3.76 -5.83
C TYR A 26 1.47 2.62 -5.24
N CYS A 27 1.12 1.37 -5.57
CA CYS A 27 1.84 0.20 -5.07
C CYS A 27 3.05 -0.10 -5.98
N GLY A 28 2.77 -0.71 -7.17
CA GLY A 28 3.82 -1.05 -8.14
C GLY A 28 4.99 -1.81 -7.54
N SER A 29 4.69 -2.94 -6.86
CA SER A 29 5.70 -3.80 -6.20
C SER A 29 6.61 -3.02 -5.23
N GLY A 30 6.04 -1.95 -4.66
CA GLY A 30 6.77 -1.11 -3.72
C GLY A 30 5.93 -0.76 -2.51
N CYS A 31 5.02 -1.67 -2.14
CA CYS A 31 4.12 -1.48 -1.00
C CYS A 31 4.59 -2.26 0.21
N GLN A 32 4.19 -1.77 1.40
CA GLN A 32 4.56 -2.40 2.68
C GLN A 32 3.45 -3.33 3.20
N SER A 33 2.22 -3.10 2.73
CA SER A 33 1.05 -3.90 3.14
C SER A 33 1.10 -5.34 2.58
N GLY A 34 0.10 -6.16 2.96
CA GLY A 34 0.04 -7.54 2.51
C GLY A 34 -0.74 -7.72 1.19
N PRO A 35 -2.01 -7.20 1.06
CA PRO A 35 -2.81 -7.34 -0.17
C PRO A 35 -2.36 -6.41 -1.32
N CYS A 36 -1.04 -6.20 -1.42
CA CYS A 36 -0.44 -5.34 -2.44
C CYS A 36 0.78 -6.03 -3.07
N THR A 37 1.46 -5.33 -4.01
CA THR A 37 2.66 -5.83 -4.72
C THR A 37 2.34 -7.10 -5.53
N GLY A 38 1.46 -6.94 -6.53
CA GLY A 38 1.07 -8.04 -7.38
C GLY A 38 -0.27 -7.81 -8.05
N ALA A 39 -0.32 -6.83 -8.95
CA ALA A 39 -1.55 -6.49 -9.68
C ALA A 39 -1.55 -7.11 -11.07
N ALA A 1 -2.71 8.49 5.18
CA ALA A 1 -1.42 8.11 5.80
C ALA A 1 -1.35 6.61 6.04
N CYS A 2 -0.19 6.01 5.73
CA CYS A 2 0.02 4.58 5.90
C CYS A 2 1.30 4.32 6.71
N SER A 3 1.32 3.18 7.41
CA SER A 3 2.47 2.78 8.23
C SER A 3 2.74 1.29 8.10
N SER A 4 3.86 0.83 8.70
CA SER A 4 4.25 -0.59 8.66
C SER A 4 3.39 -1.45 9.60
N SER A 5 2.59 -0.78 10.43
CA SER A 5 1.71 -1.45 11.38
C SER A 5 0.28 -1.57 10.84
N SER A 6 -0.18 -0.51 10.15
CA SER A 6 -1.52 -0.49 9.57
C SER A 6 -1.46 -0.72 8.05
N PRO A 7 -2.45 -1.46 7.45
CA PRO A 7 -2.47 -1.74 6.01
C PRO A 7 -3.44 -0.82 5.26
N CYS A 8 -3.87 0.23 5.97
CA CYS A 8 -4.82 1.25 5.49
C CYS A 8 -6.21 0.66 5.22
N PRO A 9 -7.31 1.33 5.71
CA PRO A 9 -8.69 0.85 5.50
C PRO A 9 -9.19 1.08 4.07
N GLY A 10 -10.38 0.53 3.78
CA GLY A 10 -10.97 0.66 2.44
C GLY A 10 -10.38 -0.30 1.41
N ASN A 11 -9.42 -1.14 1.86
CA ASN A 11 -8.73 -2.13 1.01
C ASN A 11 -7.88 -1.46 -0.08
N GLN A 12 -6.80 -0.79 0.37
CA GLN A 12 -5.89 -0.09 -0.53
C GLN A 12 -4.45 -0.53 -0.26
N CYS A 13 -3.57 -0.35 -1.27
CA CYS A 13 -2.16 -0.73 -1.15
C CYS A 13 -1.34 0.40 -0.50
N CYS A 14 -0.28 0.01 0.21
CA CYS A 14 0.60 0.97 0.89
C CYS A 14 1.83 1.29 0.05
N SER A 15 2.30 2.54 0.17
CA SER A 15 3.48 3.00 -0.55
C SER A 15 4.68 3.02 0.35
N LYS A 16 5.84 2.61 -0.22
CA LYS A 16 7.13 2.58 0.50
C LYS A 16 7.50 3.95 1.07
N TRP A 17 7.04 5.01 0.38
CA TRP A 17 7.27 6.39 0.80
C TRP A 17 6.28 6.73 1.93
N GLY A 18 5.32 5.82 2.12
CA GLY A 18 4.31 5.93 3.15
C GLY A 18 3.02 6.55 2.68
N TYR A 19 2.37 5.90 1.69
CA TYR A 19 1.09 6.39 1.16
C TYR A 19 0.06 5.28 1.00
N CYS A 20 -1.21 5.67 0.75
CA CYS A 20 -2.30 4.73 0.58
C CYS A 20 -3.08 5.04 -0.70
N GLY A 21 -3.40 3.98 -1.46
CA GLY A 21 -4.15 4.13 -2.70
C GLY A 21 -4.21 2.84 -3.50
N LEU A 22 -4.72 2.94 -4.74
CA LEU A 22 -4.85 1.78 -5.63
C LEU A 22 -4.31 2.08 -7.03
N GLY A 23 -3.86 1.04 -7.72
CA GLY A 23 -3.32 1.19 -9.06
C GLY A 23 -1.81 1.06 -9.10
N GLY A 24 -1.22 1.45 -10.23
CA GLY A 24 0.23 1.38 -10.40
C GLY A 24 0.92 2.69 -10.11
N ASP A 25 0.52 3.34 -9.01
CA ASP A 25 1.10 4.62 -8.60
C ASP A 25 1.43 4.62 -7.11
N TYR A 26 0.60 3.95 -6.30
CA TYR A 26 0.79 3.87 -4.85
C TYR A 26 1.62 2.63 -4.46
N CYS A 27 1.33 1.49 -5.11
CA CYS A 27 2.05 0.24 -4.84
C CYS A 27 3.21 0.07 -5.82
N GLY A 28 2.92 -0.41 -7.05
CA GLY A 28 3.93 -0.61 -8.09
C GLY A 28 5.11 -1.46 -7.65
N SER A 29 4.81 -2.61 -7.01
CA SER A 29 5.83 -3.55 -6.49
C SER A 29 6.76 -2.88 -5.47
N GLY A 30 6.19 -1.91 -4.75
CA GLY A 30 6.94 -1.19 -3.73
C GLY A 30 6.09 -0.94 -2.50
N CYS A 31 5.23 -1.91 -2.18
CA CYS A 31 4.33 -1.80 -1.03
C CYS A 31 4.91 -2.43 0.24
N GLN A 32 4.44 -1.96 1.39
CA GLN A 32 4.89 -2.45 2.69
C GLN A 32 3.80 -3.33 3.35
N SER A 33 2.57 -3.21 2.84
CA SER A 33 1.43 -3.98 3.36
C SER A 33 1.26 -5.30 2.59
N GLY A 34 0.39 -6.17 3.11
CA GLY A 34 0.12 -7.46 2.48
C GLY A 34 -0.81 -7.37 1.27
N PRO A 35 -2.05 -6.80 1.40
CA PRO A 35 -3.00 -6.68 0.27
C PRO A 35 -2.61 -5.56 -0.71
N CYS A 36 -1.56 -5.84 -1.51
CA CYS A 36 -1.04 -4.89 -2.50
C CYS A 36 -0.58 -5.61 -3.77
N THR A 37 -0.16 -4.81 -4.78
CA THR A 37 0.33 -5.33 -6.09
C THR A 37 -0.65 -6.30 -6.77
N GLY A 38 -1.95 -6.10 -6.51
CA GLY A 38 -2.98 -6.95 -7.08
C GLY A 38 -4.36 -6.65 -6.52
N ALA A 39 -5.02 -5.64 -7.09
CA ALA A 39 -6.35 -5.24 -6.65
C ALA A 39 -7.43 -5.78 -7.59
N ALA A 1 -3.06 7.01 9.00
CA ALA A 1 -1.58 6.98 8.93
C ALA A 1 -1.08 5.62 8.43
N CYS A 2 0.03 5.65 7.68
CA CYS A 2 0.62 4.44 7.12
C CYS A 2 1.82 3.99 7.95
N SER A 3 1.79 2.72 8.37
CA SER A 3 2.86 2.13 9.17
C SER A 3 3.27 0.77 8.59
N SER A 4 4.40 0.25 9.06
CA SER A 4 4.91 -1.06 8.60
C SER A 4 4.07 -2.23 9.14
N SER A 5 3.16 -1.92 10.08
CA SER A 5 2.27 -2.91 10.68
C SER A 5 0.84 -2.73 10.18
N SER A 6 0.44 -1.46 9.99
CA SER A 6 -0.90 -1.12 9.52
C SER A 6 -0.82 -0.04 8.42
N PRO A 7 -0.40 -0.42 7.18
CA PRO A 7 -0.27 0.53 6.06
C PRO A 7 -1.57 0.77 5.29
N CYS A 8 -2.64 0.17 5.80
CA CYS A 8 -4.00 0.26 5.21
C CYS A 8 -4.95 -0.72 5.90
N PRO A 9 -6.30 -0.46 5.91
CA PRO A 9 -7.27 -1.37 6.54
C PRO A 9 -7.63 -2.59 5.66
N GLY A 10 -6.71 -2.94 4.76
CA GLY A 10 -6.89 -4.08 3.86
C GLY A 10 -7.76 -3.76 2.65
N ASN A 11 -7.52 -2.59 2.03
CA ASN A 11 -8.29 -2.16 0.85
C ASN A 11 -7.41 -1.47 -0.19
N GLN A 12 -6.48 -0.63 0.28
CA GLN A 12 -5.58 0.10 -0.61
C GLN A 12 -4.12 -0.27 -0.36
N CYS A 13 -3.26 -0.03 -1.35
CA CYS A 13 -1.83 -0.34 -1.26
C CYS A 13 -1.04 0.90 -0.84
N CYS A 14 -0.24 0.76 0.23
CA CYS A 14 0.57 1.86 0.74
C CYS A 14 1.96 1.88 0.11
N SER A 15 2.46 3.09 -0.13
CA SER A 15 3.77 3.30 -0.72
C SER A 15 4.80 3.53 0.38
N LYS A 16 6.10 3.33 0.03
CA LYS A 16 7.24 3.50 0.96
C LYS A 16 7.20 4.84 1.70
N TRP A 17 6.66 5.86 1.04
CA TRP A 17 6.51 7.20 1.62
C TRP A 17 5.21 7.25 2.46
N GLY A 18 4.62 6.07 2.66
CA GLY A 18 3.40 5.90 3.44
C GLY A 18 2.16 6.48 2.77
N TYR A 19 1.83 5.95 1.58
CA TYR A 19 0.65 6.44 0.85
C TYR A 19 -0.16 5.31 0.20
N CYS A 20 -1.44 5.22 0.57
CA CYS A 20 -2.35 4.20 0.04
C CYS A 20 -3.17 4.71 -1.13
N GLY A 21 -3.42 3.82 -2.09
CA GLY A 21 -4.19 4.16 -3.27
C GLY A 21 -4.61 2.92 -4.05
N LEU A 22 -4.96 3.12 -5.34
CA LEU A 22 -5.38 2.02 -6.21
C LEU A 22 -4.67 2.09 -7.56
N GLY A 23 -4.39 0.91 -8.13
CA GLY A 23 -3.73 0.83 -9.42
C GLY A 23 -2.22 0.59 -9.29
N GLY A 24 -1.51 0.75 -10.41
CA GLY A 24 -0.07 0.54 -10.41
C GLY A 24 0.69 1.86 -10.32
N ASP A 25 0.31 2.69 -9.36
CA ASP A 25 0.95 3.99 -9.15
C ASP A 25 1.30 4.22 -7.68
N TYR A 26 0.45 3.70 -6.79
CA TYR A 26 0.65 3.83 -5.34
C TYR A 26 1.47 2.67 -4.76
N CYS A 27 1.32 1.47 -5.36
CA CYS A 27 2.04 0.28 -4.90
C CYS A 27 3.40 0.17 -5.63
N GLY A 28 3.37 -0.21 -6.92
CA GLY A 28 4.59 -0.35 -7.73
C GLY A 28 5.62 -1.30 -7.13
N SER A 29 5.15 -2.49 -6.69
CA SER A 29 6.00 -3.53 -6.07
C SER A 29 6.85 -2.97 -4.91
N GLY A 30 6.25 -2.06 -4.16
CA GLY A 30 6.91 -1.45 -3.02
C GLY A 30 5.93 -1.11 -1.93
N CYS A 31 4.92 -1.99 -1.76
CA CYS A 31 3.88 -1.81 -0.74
C CYS A 31 4.28 -2.44 0.59
N GLN A 32 3.73 -1.88 1.68
CA GLN A 32 4.00 -2.36 3.04
C GLN A 32 2.89 -3.32 3.51
N SER A 33 1.69 -3.19 2.92
CA SER A 33 0.54 -4.03 3.26
C SER A 33 0.51 -5.30 2.41
N GLY A 34 -0.28 -6.29 2.85
CA GLY A 34 -0.42 -7.57 2.14
C GLY A 34 -1.17 -7.44 0.81
N PRO A 35 -2.45 -6.94 0.81
CA PRO A 35 -3.25 -6.79 -0.42
C PRO A 35 -2.77 -5.60 -1.27
N CYS A 36 -1.68 -5.83 -2.02
CA CYS A 36 -1.08 -4.81 -2.87
C CYS A 36 -0.65 -5.39 -4.22
N THR A 37 -0.14 -4.50 -5.12
CA THR A 37 0.35 -4.87 -6.47
C THR A 37 -0.68 -5.67 -7.29
N GLY A 38 -1.97 -5.42 -7.03
CA GLY A 38 -3.03 -6.09 -7.74
C GLY A 38 -4.38 -5.41 -7.57
N ALA A 39 -5.11 -5.80 -6.52
CA ALA A 39 -6.42 -5.22 -6.24
C ALA A 39 -6.48 -4.68 -4.81
N ALA A 1 -0.95 9.66 7.89
CA ALA A 1 0.26 8.91 8.32
C ALA A 1 0.08 7.41 8.13
N CYS A 2 1.12 6.75 7.62
CA CYS A 2 1.10 5.31 7.38
C CYS A 2 2.28 4.63 8.04
N SER A 3 2.04 3.43 8.58
CA SER A 3 3.08 2.65 9.25
C SER A 3 3.08 1.21 8.75
N SER A 4 4.12 0.44 9.13
CA SER A 4 4.26 -0.97 8.73
C SER A 4 3.28 -1.87 9.49
N SER A 5 2.63 -1.32 10.53
CA SER A 5 1.64 -2.06 11.33
C SER A 5 0.23 -1.81 10.78
N SER A 6 -0.04 -0.57 10.39
CA SER A 6 -1.31 -0.16 9.81
C SER A 6 -1.05 0.60 8.51
N PRO A 7 -1.03 -0.09 7.32
CA PRO A 7 -0.75 0.54 6.04
C PRO A 7 -1.95 1.16 5.36
N CYS A 8 -3.09 1.05 6.02
CA CYS A 8 -4.39 1.57 5.53
C CYS A 8 -5.56 0.98 6.35
N PRO A 9 -6.58 1.80 6.74
CA PRO A 9 -7.73 1.31 7.51
C PRO A 9 -8.80 0.61 6.64
N GLY A 10 -8.35 0.06 5.51
CA GLY A 10 -9.23 -0.63 4.58
C GLY A 10 -8.55 -1.77 3.85
N ASN A 11 -8.36 -1.60 2.54
CA ASN A 11 -7.72 -2.62 1.69
C ASN A 11 -6.80 -1.98 0.63
N GLN A 12 -6.36 -0.74 0.89
CA GLN A 12 -5.47 0.00 -0.04
C GLN A 12 -4.01 -0.33 0.24
N CYS A 13 -3.14 -0.09 -0.76
CA CYS A 13 -1.71 -0.37 -0.64
C CYS A 13 -0.93 0.87 -0.20
N CYS A 14 -0.06 0.70 0.80
CA CYS A 14 0.76 1.79 1.33
C CYS A 14 2.14 1.79 0.70
N SER A 15 2.53 2.96 0.18
CA SER A 15 3.83 3.14 -0.46
C SER A 15 4.93 3.28 0.57
N LYS A 16 6.15 2.82 0.19
CA LYS A 16 7.34 2.86 1.04
C LYS A 16 7.63 4.28 1.56
N TRP A 17 7.22 5.28 0.76
CA TRP A 17 7.38 6.70 1.13
C TRP A 17 6.20 7.12 2.02
N GLY A 18 5.31 6.14 2.29
CA GLY A 18 4.14 6.34 3.12
C GLY A 18 2.97 6.93 2.37
N TYR A 19 2.57 6.30 1.26
CA TYR A 19 1.42 6.78 0.47
C TYR A 19 0.49 5.64 0.07
N CYS A 20 -0.73 5.68 0.63
CA CYS A 20 -1.75 4.65 0.37
C CYS A 20 -2.70 5.07 -0.75
N GLY A 21 -3.09 4.09 -1.57
CA GLY A 21 -4.01 4.34 -2.67
C GLY A 21 -4.46 3.06 -3.34
N LEU A 22 -4.93 3.18 -4.59
CA LEU A 22 -5.41 2.03 -5.37
C LEU A 22 -4.74 1.98 -6.74
N GLY A 23 -4.57 0.75 -7.25
CA GLY A 23 -3.95 0.56 -8.55
C GLY A 23 -2.46 0.33 -8.48
N GLY A 24 -1.79 0.36 -9.64
CA GLY A 24 -0.35 0.16 -9.70
C GLY A 24 0.42 1.47 -9.77
N ASP A 25 0.03 2.42 -8.92
CA ASP A 25 0.66 3.75 -8.87
C ASP A 25 1.03 4.12 -7.43
N TYR A 26 0.17 3.73 -6.47
CA TYR A 26 0.40 4.02 -5.05
C TYR A 26 1.18 2.90 -4.36
N CYS A 27 1.23 1.71 -4.98
CA CYS A 27 1.96 0.58 -4.41
C CYS A 27 3.43 0.61 -4.82
N GLY A 28 3.67 0.86 -6.13
CA GLY A 28 5.04 0.92 -6.67
C GLY A 28 5.74 -0.44 -6.61
N SER A 29 4.93 -1.51 -6.53
CA SER A 29 5.39 -2.91 -6.44
C SER A 29 6.40 -3.10 -5.32
N GLY A 30 5.86 -3.41 -4.15
CA GLY A 30 6.67 -3.62 -2.96
C GLY A 30 6.15 -2.81 -1.78
N CYS A 31 4.83 -2.55 -1.80
CA CYS A 31 4.15 -1.77 -0.75
C CYS A 31 4.24 -2.45 0.63
N GLN A 32 3.90 -1.68 1.69
CA GLN A 32 3.93 -2.17 3.07
C GLN A 32 2.67 -2.97 3.44
N SER A 33 1.64 -2.89 2.58
CA SER A 33 0.37 -3.60 2.80
C SER A 33 0.45 -5.05 2.31
N GLY A 34 -0.50 -5.87 2.76
CA GLY A 34 -0.55 -7.28 2.36
C GLY A 34 -0.86 -7.45 0.87
N PRO A 35 -2.02 -6.94 0.35
CA PRO A 35 -2.37 -7.02 -1.07
C PRO A 35 -1.64 -5.95 -1.89
N CYS A 36 -0.63 -6.37 -2.65
CA CYS A 36 0.18 -5.46 -3.45
C CYS A 36 0.04 -5.71 -4.95
N THR A 37 0.39 -4.68 -5.74
CA THR A 37 0.34 -4.72 -7.23
C THR A 37 -1.03 -5.14 -7.78
N GLY A 38 -2.09 -4.82 -7.03
CA GLY A 38 -3.45 -5.17 -7.42
C GLY A 38 -4.12 -6.11 -6.44
N ALA A 39 -3.64 -7.35 -6.40
CA ALA A 39 -4.19 -8.37 -5.51
C ALA A 39 -3.10 -8.99 -4.65
N ALA A 1 -2.05 8.39 8.27
CA ALA A 1 -0.74 7.84 8.72
C ALA A 1 -0.55 6.41 8.24
N CYS A 2 0.68 6.10 7.82
CA CYS A 2 1.01 4.76 7.33
C CYS A 2 2.22 4.20 8.07
N SER A 3 2.10 2.95 8.53
CA SER A 3 3.17 2.27 9.25
C SER A 3 3.42 0.88 8.65
N SER A 4 4.56 0.28 9.01
CA SER A 4 4.93 -1.06 8.51
C SER A 4 4.05 -2.15 9.14
N SER A 5 3.31 -1.79 10.19
CA SER A 5 2.41 -2.72 10.88
C SER A 5 0.96 -2.50 10.42
N SER A 6 0.60 -1.23 10.17
CA SER A 6 -0.75 -0.87 9.73
C SER A 6 -0.68 0.15 8.58
N PRO A 7 -0.29 -0.29 7.34
CA PRO A 7 -0.17 0.60 6.18
C PRO A 7 -1.48 0.83 5.43
N CYS A 8 -2.55 0.27 5.99
CA CYS A 8 -3.92 0.36 5.43
C CYS A 8 -4.86 -0.63 6.15
N PRO A 9 -6.21 -0.36 6.18
CA PRO A 9 -7.17 -1.26 6.84
C PRO A 9 -7.56 -2.48 5.98
N GLY A 10 -6.66 -2.82 5.04
CA GLY A 10 -6.87 -3.95 4.14
C GLY A 10 -7.76 -3.61 2.94
N ASN A 11 -7.50 -2.46 2.30
CA ASN A 11 -8.28 -2.02 1.15
C ASN A 11 -7.40 -1.35 0.09
N GLN A 12 -6.45 -0.52 0.53
CA GLN A 12 -5.55 0.19 -0.38
C GLN A 12 -4.09 -0.21 -0.13
N CYS A 13 -3.24 0.02 -1.14
CA CYS A 13 -1.81 -0.29 -1.04
C CYS A 13 -1.00 0.95 -0.65
N CYS A 14 -0.18 0.81 0.40
CA CYS A 14 0.65 1.91 0.91
C CYS A 14 2.01 1.92 0.24
N SER A 15 2.51 3.13 -0.03
CA SER A 15 3.82 3.32 -0.65
C SER A 15 4.88 3.57 0.42
N LYS A 16 6.16 3.34 0.05
CA LYS A 16 7.32 3.52 0.96
C LYS A 16 7.30 4.88 1.68
N TRP A 17 6.74 5.90 1.00
CA TRP A 17 6.60 7.24 1.58
C TRP A 17 5.34 7.31 2.45
N GLY A 18 4.73 6.14 2.66
CA GLY A 18 3.53 5.98 3.46
C GLY A 18 2.29 6.55 2.82
N TYR A 19 1.92 6.01 1.65
CA TYR A 19 0.72 6.48 0.93
C TYR A 19 -0.10 5.34 0.32
N CYS A 20 -1.37 5.27 0.73
CA CYS A 20 -2.30 4.24 0.24
C CYS A 20 -3.16 4.74 -0.90
N GLY A 21 -3.42 3.86 -1.87
CA GLY A 21 -4.24 4.19 -3.02
C GLY A 21 -4.63 2.95 -3.82
N LEU A 22 -4.98 3.17 -5.10
CA LEU A 22 -5.37 2.07 -5.99
C LEU A 22 -4.68 2.18 -7.34
N GLY A 23 -4.43 1.01 -7.96
CA GLY A 23 -3.78 0.98 -9.27
C GLY A 23 -2.29 0.69 -9.16
N GLY A 24 -1.58 0.85 -10.28
CA GLY A 24 -0.15 0.62 -10.31
C GLY A 24 0.66 1.89 -10.20
N ASP A 25 0.29 2.74 -9.22
CA ASP A 25 0.97 4.01 -8.99
C ASP A 25 1.31 4.19 -7.51
N TYR A 26 0.46 3.63 -6.63
CA TYR A 26 0.66 3.73 -5.18
C TYR A 26 1.49 2.57 -4.63
N CYS A 27 1.30 1.36 -5.22
CA CYS A 27 2.05 0.17 -4.80
C CYS A 27 3.34 0.03 -5.61
N GLY A 28 3.23 -0.47 -6.86
CA GLY A 28 4.38 -0.65 -7.74
C GLY A 28 5.51 -1.47 -7.14
N SER A 29 5.15 -2.63 -6.54
CA SER A 29 6.12 -3.55 -5.88
C SER A 29 6.91 -2.85 -4.77
N GLY A 30 6.25 -1.88 -4.13
CA GLY A 30 6.86 -1.14 -3.04
C GLY A 30 5.87 -0.87 -1.93
N CYS A 31 4.97 -1.84 -1.70
CA CYS A 31 3.94 -1.74 -0.66
C CYS A 31 4.38 -2.36 0.66
N GLN A 32 3.80 -1.85 1.75
CA GLN A 32 4.09 -2.33 3.11
C GLN A 32 2.98 -3.28 3.59
N SER A 33 1.79 -3.16 2.99
CA SER A 33 0.64 -3.99 3.35
C SER A 33 0.61 -5.29 2.52
N GLY A 34 -0.26 -6.23 2.91
CA GLY A 34 -0.39 -7.51 2.22
C GLY A 34 -1.21 -7.42 0.92
N PRO A 35 -2.48 -6.93 0.96
CA PRO A 35 -3.33 -6.82 -0.24
C PRO A 35 -2.88 -5.68 -1.18
N CYS A 36 -1.76 -5.92 -1.87
CA CYS A 36 -1.17 -4.94 -2.79
C CYS A 36 -0.54 -5.65 -4.01
N THR A 37 -0.02 -4.84 -4.96
CA THR A 37 0.64 -5.33 -6.19
C THR A 37 -0.25 -6.28 -7.01
N GLY A 38 -1.57 -6.09 -6.91
CA GLY A 38 -2.52 -6.93 -7.62
C GLY A 38 -3.94 -6.41 -7.52
N ALA A 39 -4.20 -5.28 -8.17
CA ALA A 39 -5.53 -4.66 -8.16
C ALA A 39 -6.28 -4.96 -9.45
#